data_1L0R
#
_entry.id   1L0R
#
_cell.length_a   1.000
_cell.length_b   1.000
_cell.length_c   1.000
_cell.angle_alpha   90.00
_cell.angle_beta   90.00
_cell.angle_gamma   90.00
#
_symmetry.space_group_name_H-M   'P 1'
#
loop_
_entity.id
_entity.type
_entity.pdbx_description
1 polymer "5'-D(*AP*CP*GP*AP*AP*GP*TP*GP*CP*GP*AP*AP*GP*C)-3'"
2 non-polymer 'SODIUM ION'
3 non-polymer 'NOGALAMYCIN (PROTONATED FORM)'
4 water water
#
_entity_poly.entity_id   1
_entity_poly.type   'polydeoxyribonucleotide'
_entity_poly.pdbx_seq_one_letter_code
;(DA)(DC)(DG)(DA)(DA)(DG)(DT)(DG)(DC)(DG)(DA)(DA)(DG)(DC)
;
_entity_poly.pdbx_strand_id   A
#
loop_
_chem_comp.id
_chem_comp.type
_chem_comp.name
_chem_comp.formula
DA DNA linking 2'-DEOXYADENOSINE-5'-MONOPHOSPHATE 'C10 H14 N5 O6 P'
DC DNA linking 2'-DEOXYCYTIDINE-5'-MONOPHOSPHATE 'C9 H14 N3 O7 P'
DG DNA linking 2'-DEOXYGUANOSINE-5'-MONOPHOSPHATE 'C10 H14 N5 O7 P'
DT DNA linking THYMIDINE-5'-MONOPHOSPHATE 'C10 H15 N2 O8 P'
NA non-polymer 'SODIUM ION' 'Na 1'
NGP non-polymer 'NOGALAMYCIN (PROTONATED FORM)' 'C39 H52 N O16 1'
#
# COMPACT_ATOMS: atom_id res chain seq x y z
NA NA B . 6.53 6.37 -10.56
NA NA C . 21.83 4.68 42.53
NA NA D . -6.41 -16.62 13.84
NA NA E . 29.42 -22.95 26.01
NA NA F . -12.41 31.28 25.66
NA NA G . 6.40 3.74 -30.06
NA NA H . 28.73 -0.37 -38.52
NA NA I . -19.70 0.30 -12.80
NA NA J . 4.89 -34.29 -11.27
NA NA K . 9.06 -19.21 25.20
NA NA L . 23.18 -10.50 12.75
NA NA M . 23.83 15.98 -20.17
C1 NGP N . -0.95 5.50 -0.83
C2 NGP N . -1.55 6.31 0.16
C3 NGP N . -1.51 5.89 1.52
C4 NGP N . -0.88 4.68 1.88
C5 NGP N . 0.08 2.48 1.15
C6 NGP N . 0.60 0.17 0.37
C7 NGP N . 0.22 -2.26 -0.41
C8 NGP N . -0.83 -2.75 -1.33
C9 NGP N . -0.25 -2.76 -2.73
C10 NGP N . 0.17 -1.35 -3.13
C11 NGP N . 0.07 0.98 -2.28
C12 NGP N . -0.36 3.24 -1.55
C13 NGP N . -1.41 -3.32 -3.53
C14 NGP N . 1.44 -1.30 -3.95
C15 NGP N . 3.59 -0.38 -4.08
C16 NGP N . -0.55 4.19 -0.51
C17 NGP N . -0.43 3.78 0.85
C18 NGP N . 0.31 1.53 0.10
C19 NGP N . 0.46 -0.79 -0.66
C20 NGP N . 0.29 -0.36 -1.99
C21 NGP N . 0.04 1.92 -1.24
C22 NGP N . -2.19 8.75 0.62
C23 NGP N . -6.46 7.05 -1.73
C24 NGP N . -5.74 5.63 -3.46
C25 NGP N . 0.86 -6.71 -0.25
C26 NGP N . -1.56 -8.11 2.59
C27 NGP N . -1.45 -4.67 5.23
C28 NGP N . -2.22 -4.48 2.39
C29 NGP N . 1.96 -3.11 4.32
C30 NGP N . -1.58 7.06 -2.50
C31 NGP N . -2.89 6.46 -3.00
C32 NGP N . -4.03 6.45 -1.95
C33 NGP N . -3.78 7.29 -0.68
C34 NGP N . -2.30 7.55 -0.32
C1' NGP N . 0.70 -3.47 1.52
C2' NGP N . 0.20 -3.87 2.92
C3' NGP N . -0.85 -5.01 2.86
C4' NGP N . -0.38 -6.15 1.90
C5' NGP N . 0.14 -5.62 0.54
N1 NGP N . -5.31 6.76 -2.61
O1 NGP N . -0.69 6.05 -2.07
O2 NGP N . -1.69 8.02 -1.49
O4 NGP N . -0.87 4.36 3.20
O5 NGP N . 0.29 2.15 2.32
O6 NGP N . 0.93 -0.26 1.62
O7 NGP N . -0.26 -2.67 0.86
O9 NGP N . 0.81 -3.67 -2.88
O10 NGP N . 2.62 -1.04 -3.27
O14 NGP N . 1.35 -1.41 -5.17
O12 NGP N . -0.64 3.53 -2.72
O15 NGP N . -2.75 5.14 -3.52
O16 NGP N . -4.46 6.65 0.39
O1' NGP N . 1.10 -4.60 0.75
O2' NGP N . 1.32 -4.23 3.75
O3' NGP N . -1.03 -5.56 4.19
O4' NGP N . -1.38 -7.13 1.57
H3 NGP N . -1.94 6.50 2.30
H7 NGP N . 1.08 -2.81 -0.70
H81 NGP N . -1.19 -3.74 -1.05
H82 NGP N . -1.64 -2.06 -1.22
H10 NGP N . -0.59 -0.97 -3.78
H11 NGP N . -0.21 1.21 -3.31
H131 NGP N . -1.12 -3.42 -4.57
H132 NGP N . -2.24 -2.60 -3.44
H133 NGP N . -1.65 -4.28 -3.06
H151 NGP N . 3.87 -1.02 -4.91
H152 NGP N . 3.20 0.57 -4.44
H153 NGP N . 4.48 -0.19 -3.47
H22A NGP N . -2.75 8.56 1.54
H222 NGP N . -2.61 9.61 0.10
H223 NGP N . -1.15 8.92 0.84
H231 NGP N . -7.35 7.25 -2.32
H232 NGP N . -6.25 7.93 -1.11
H233 NGP N . -6.64 6.20 -1.08
H241 NGP N . -5.85 4.73 -2.85
H242 NGP N . -4.99 5.45 -4.23
H243 NGP N . -6.69 5.86 -3.94
H251 NGP N . 1.69 -7.10 0.32
H252 NGP N . 1.24 -6.26 -1.18
H253 NGP N . 0.17 -7.51 -0.51
H261 NGP N . -0.62 -8.47 2.97
H262 NGP N . -2.11 -8.95 2.18
H263 NGP N . -2.15 -7.68 3.41
H271 NGP N . -0.77 -3.83 5.33
H272 NGP N . -1.45 -5.20 6.17
H273 NGP N . -2.46 -4.31 5.04
H281 NGP N . -2.50 -3.58 2.93
H282 NGP N . -2.98 -5.26 2.56
H283 NGP N . -2.20 -4.26 1.32
H291 NGP N . 1.27 -2.57 4.97
H292 NGP N . 2.80 -3.45 4.94
H293 NGP N . 2.35 -2.43 3.56
H30 NGP N . -1.15 7.56 -3.35
H31 NGP N . -3.14 7.08 -3.85
H32 NGP N . -4.14 5.46 -1.60
H33 NGP N . -4.25 8.24 -0.89
H1' NGP N . 1.57 -2.83 1.62
H2' NGP N . -0.28 -2.99 3.35
H4' NGP N . 0.48 -6.64 2.37
H5' NGP N . -0.69 -5.29 -0.12
HN1 NGP N . -5.09 7.55 -3.17
HO4 NGP N . -0.39 3.53 3.36
HO6 NGP N . 0.84 0.49 2.22
HO9 NGP N . 0.43 -4.55 -3.06
H15 NGP N . -1.93 4.72 -3.19
H16 NGP N . -4.00 5.84 0.63
#